data_1UXO
#
_entry.id   1UXO
#
_cell.length_a   36.128
_cell.length_b   53.971
_cell.length_c   93.151
_cell.angle_alpha   90.00
_cell.angle_beta   90.00
_cell.angle_gamma   90.00
#
_symmetry.space_group_name_H-M   'P 21 21 21'
#
loop_
_entity.id
_entity.type
_entity.pdbx_description
1 polymer 'Putative hydrolase YdeN'
2 water water
#
_entity_poly.entity_id   1
_entity_poly.type   'polypeptide(L)'
_entity_poly.pdbx_seq_one_letter_code
;GRGTKQVYIIHGYRASSTNHWFPWLKKRLLADGVQADILN(MSE)PNPLQPRLEDWLDTLSLYQHTLHENTYLVAHSLGC
PAILRFLEHLQLRAALGGIILVSGFAKSLPTLQ(MSE)LDEFTQGSFDHQKIIESAKHRAVIASKDDQIVPFSFSKDLAQ
QIDAALYEVQHGGHFLEDEGFTSLPIVYDVLTSYFSKETR
;
_entity_poly.pdbx_strand_id   A
#
# COMPACT_ATOMS: atom_id res chain seq x y z
N THR A 4 13.69 9.68 12.80
CA THR A 4 13.83 10.08 11.36
C THR A 4 12.72 9.35 10.53
N LYS A 5 11.92 10.12 9.84
CA LYS A 5 10.92 9.52 8.95
C LYS A 5 11.51 8.65 7.84
N GLN A 6 10.77 7.61 7.51
CA GLN A 6 11.12 6.71 6.46
C GLN A 6 9.83 6.28 5.80
N VAL A 7 9.79 6.33 4.47
CA VAL A 7 8.58 5.92 3.77
C VAL A 7 9.03 4.78 2.87
N TYR A 8 8.33 3.67 2.91
CA TYR A 8 8.57 2.56 1.97
C TYR A 8 7.42 2.50 0.98
N ILE A 9 7.75 2.25 -0.28
CA ILE A 9 6.74 2.19 -1.34
C ILE A 9 6.78 0.80 -1.95
N ILE A 10 5.62 0.14 -2.01
CA ILE A 10 5.54 -1.27 -2.44
C ILE A 10 4.53 -1.43 -3.59
N HIS A 11 5.02 -2.00 -4.68
CA HIS A 11 4.27 -2.14 -5.92
C HIS A 11 3.41 -3.41 -5.95
N GLY A 12 2.69 -3.60 -7.05
CA GLY A 12 1.78 -4.73 -7.22
C GLY A 12 2.28 -5.73 -8.25
N TYR A 13 1.33 -6.50 -8.76
CA TYR A 13 1.54 -7.49 -9.84
C TYR A 13 2.08 -6.84 -11.12
N ARG A 14 3.09 -7.47 -11.69
CA ARG A 14 3.65 -7.10 -12.95
C ARG A 14 4.15 -5.70 -12.92
N ALA A 15 4.81 -5.32 -11.84
CA ALA A 15 5.38 -4.02 -11.74
C ALA A 15 6.72 -4.12 -11.03
N SER A 16 7.49 -3.04 -11.10
CA SER A 16 8.72 -2.85 -10.32
C SER A 16 8.84 -1.38 -9.94
N SER A 17 9.95 -1.06 -9.28
CA SER A 17 10.17 0.24 -8.68
C SER A 17 10.22 1.36 -9.71
N THR A 18 10.35 1.03 -11.00
CA THR A 18 10.46 2.06 -12.00
C THR A 18 9.12 2.45 -12.62
N ASN A 19 8.07 1.70 -12.31
CA ASN A 19 6.75 1.86 -12.94
C ASN A 19 5.85 2.88 -12.23
N HIS A 20 4.83 3.31 -12.95
CA HIS A 20 3.71 4.08 -12.40
C HIS A 20 4.21 5.38 -11.73
N TRP A 21 3.70 5.66 -10.56
CA TRP A 21 3.92 6.92 -9.84
C TRP A 21 4.99 6.82 -8.73
N PHE A 22 5.69 5.68 -8.64
CA PHE A 22 6.59 5.45 -7.50
C PHE A 22 7.83 6.39 -7.57
N PRO A 23 8.49 6.47 -8.72
CA PRO A 23 9.62 7.40 -8.83
C PRO A 23 9.16 8.81 -8.56
N TRP A 24 8.03 9.23 -9.11
CA TRP A 24 7.54 10.60 -8.80
C TRP A 24 7.38 10.82 -7.27
N LEU A 25 6.77 9.86 -6.61
CA LEU A 25 6.50 10.03 -5.17
C LEU A 25 7.81 10.08 -4.37
N LYS A 26 8.75 9.18 -4.65
CA LYS A 26 10.05 9.23 -4.00
C LYS A 26 10.73 10.59 -4.13
N LYS A 27 10.81 11.10 -5.36
CA LYS A 27 11.45 12.40 -5.64
C LYS A 27 10.68 13.58 -5.04
N ARG A 28 9.35 13.51 -4.97
CA ARG A 28 8.55 14.59 -4.39
C ARG A 28 8.82 14.67 -2.85
N LEU A 29 8.94 13.51 -2.24
CA LEU A 29 9.28 13.41 -0.83
C LEU A 29 10.69 13.92 -0.54
N LEU A 30 11.63 13.57 -1.39
CA LEU A 30 13.01 14.05 -1.30
C LEU A 30 13.08 15.58 -1.34
N ALA A 31 12.18 16.20 -2.11
CA ALA A 31 12.12 17.67 -2.17
C ALA A 31 11.78 18.31 -0.81
N ASP A 32 11.14 17.53 0.07
CA ASP A 32 10.91 17.92 1.44
C ASP A 32 11.94 17.45 2.48
N GLY A 33 12.98 16.77 2.02
CA GLY A 33 13.95 16.17 2.90
C GLY A 33 13.47 14.87 3.55
N VAL A 34 12.45 14.23 2.95
CA VAL A 34 11.94 12.95 3.47
C VAL A 34 12.46 11.78 2.65
N GLN A 35 13.03 10.82 3.37
CA GLN A 35 13.64 9.64 2.81
C GLN A 35 12.53 8.64 2.46
N ALA A 36 12.51 8.24 1.20
CA ALA A 36 11.58 7.23 0.64
C ALA A 36 12.37 6.24 -0.16
N ASP A 37 12.04 4.98 0.01
CA ASP A 37 12.64 3.85 -0.71
C ASP A 37 11.56 2.99 -1.33
N ILE A 38 11.63 2.79 -2.64
CA ILE A 38 10.75 1.93 -3.35
C ILE A 38 11.29 0.50 -3.30
N LEU A 39 10.48 -0.41 -2.78
CA LEU A 39 10.91 -1.78 -2.60
C LEU A 39 10.45 -2.63 -3.76
N ASN A 40 11.34 -3.44 -4.30
CA ASN A 40 10.97 -4.40 -5.30
C ASN A 40 10.65 -5.73 -4.65
N PRO A 42 10.02 -10.01 -5.23
CA PRO A 42 10.48 -11.07 -6.14
C PRO A 42 9.40 -11.57 -7.10
N ASN A 43 9.85 -11.92 -8.30
CA ASN A 43 9.03 -12.57 -9.29
C ASN A 43 7.70 -11.87 -9.52
N PRO A 44 7.72 -10.59 -9.92
CA PRO A 44 6.48 -9.82 -10.04
C PRO A 44 5.51 -10.39 -11.10
N LEU A 45 6.01 -11.20 -12.04
CA LEU A 45 5.08 -11.87 -13.00
C LEU A 45 4.38 -13.13 -12.49
N GLN A 46 4.94 -13.77 -11.47
CA GLN A 46 4.32 -14.92 -10.80
C GLN A 46 4.56 -14.82 -9.30
N PRO A 47 3.92 -13.85 -8.70
CA PRO A 47 4.20 -13.56 -7.29
C PRO A 47 3.65 -14.61 -6.32
N ARG A 48 4.37 -14.82 -5.23
CA ARG A 48 4.06 -15.80 -4.19
C ARG A 48 4.12 -15.03 -2.88
N LEU A 49 3.06 -15.14 -2.11
CA LEU A 49 2.93 -14.41 -0.84
C LEU A 49 4.09 -14.66 0.09
N GLU A 50 4.47 -15.93 0.27
CA GLU A 50 5.57 -16.20 1.21
C GLU A 50 6.88 -15.50 0.83
N ASP A 51 7.17 -15.40 -0.46
CA ASP A 51 8.39 -14.72 -0.91
C ASP A 51 8.26 -13.21 -0.76
N TRP A 52 7.08 -12.64 -0.99
CA TRP A 52 6.88 -11.20 -0.79
C TRP A 52 7.06 -10.89 0.74
N LEU A 53 6.44 -11.70 1.61
CA LEU A 53 6.63 -11.53 3.05
C LEU A 53 8.09 -11.66 3.50
N ASP A 54 8.80 -12.62 2.95
CA ASP A 54 10.25 -12.79 3.26
C ASP A 54 11.06 -11.56 2.82
N THR A 55 10.74 -10.96 1.67
CA THR A 55 11.40 -9.73 1.26
C THR A 55 11.07 -8.58 2.20
N LEU A 56 9.80 -8.40 2.56
CA LEU A 56 9.50 -7.35 3.49
C LEU A 56 10.27 -7.51 4.83
N SER A 57 10.44 -8.75 5.26
CA SER A 57 11.08 -9.04 6.53
C SER A 57 12.56 -8.61 6.53
N LEU A 58 13.15 -8.41 5.37
CA LEU A 58 14.55 -7.90 5.26
C LEU A 58 14.69 -6.50 5.86
N TYR A 59 13.55 -5.78 5.95
CA TYR A 59 13.47 -4.38 6.38
C TYR A 59 12.85 -4.22 7.79
N GLN A 60 12.51 -5.34 8.40
CA GLN A 60 11.66 -5.39 9.56
C GLN A 60 12.26 -4.62 10.73
N HIS A 61 13.57 -4.70 10.84
CA HIS A 61 14.29 -4.06 11.95
C HIS A 61 14.29 -2.54 11.85
N THR A 62 13.92 -1.97 10.68
CA THR A 62 13.88 -0.53 10.49
C THR A 62 12.49 0.08 10.76
N LEU A 63 11.49 -0.70 11.13
CA LEU A 63 10.13 -0.19 11.16
C LEU A 63 9.83 0.34 12.54
N HIS A 64 9.42 1.59 12.60
CA HIS A 64 9.23 2.25 13.85
C HIS A 64 8.02 3.19 13.73
N GLU A 65 7.82 4.03 14.76
CA GLU A 65 6.69 4.94 14.87
C GLU A 65 6.73 6.06 13.83
N ASN A 66 7.89 6.30 13.24
CA ASN A 66 7.97 7.27 12.13
C ASN A 66 8.21 6.61 10.75
N THR A 67 7.78 5.36 10.63
CA THR A 67 7.79 4.64 9.34
C THR A 67 6.42 4.63 8.74
N TYR A 68 6.37 4.80 7.42
CA TYR A 68 5.11 4.82 6.68
C TYR A 68 5.20 3.92 5.47
N LEU A 69 4.15 3.16 5.24
CA LEU A 69 4.11 2.24 4.12
C LEU A 69 3.02 2.66 3.12
N VAL A 70 3.42 2.83 1.88
CA VAL A 70 2.52 3.17 0.79
C VAL A 70 2.57 1.98 -0.16
N ALA A 71 1.43 1.40 -0.45
CA ALA A 71 1.38 0.22 -1.29
C ALA A 71 0.37 0.40 -2.40
N HIS A 72 0.61 -0.32 -3.53
CA HIS A 72 -0.27 -0.30 -4.65
C HIS A 72 -0.74 -1.72 -4.98
N SER A 73 -2.05 -1.83 -5.09
CA SER A 73 -2.72 -3.03 -5.58
C SER A 73 -2.31 -4.28 -4.76
N LEU A 74 -1.66 -5.26 -5.41
CA LEU A 74 -1.22 -6.49 -4.69
C LEU A 74 -0.31 -6.25 -3.51
N GLY A 75 0.44 -5.15 -3.52
CA GLY A 75 1.26 -4.83 -2.35
C GLY A 75 0.46 -4.60 -1.09
N CYS A 76 -0.77 -4.16 -1.27
CA CYS A 76 -1.71 -3.94 -0.16
C CYS A 76 -1.97 -5.20 0.70
N PRO A 77 -2.54 -6.27 0.14
CA PRO A 77 -2.77 -7.45 0.98
C PRO A 77 -1.46 -8.04 1.49
N ALA A 78 -0.39 -7.86 0.74
CA ALA A 78 0.89 -8.30 1.22
C ALA A 78 1.34 -7.60 2.50
N ILE A 79 1.24 -6.28 2.53
CA ILE A 79 1.67 -5.59 3.75
C ILE A 79 0.64 -5.84 4.88
N LEU A 80 -0.64 -6.09 4.56
CA LEU A 80 -1.63 -6.44 5.60
C LEU A 80 -1.26 -7.77 6.27
N ARG A 81 -0.89 -8.76 5.48
CA ARG A 81 -0.43 -10.02 6.04
C ARG A 81 0.84 -9.84 6.83
N PHE A 82 1.75 -9.02 6.34
CA PHE A 82 2.99 -8.70 7.06
C PHE A 82 2.71 -8.11 8.42
N LEU A 83 1.83 -7.12 8.49
CA LEU A 83 1.53 -6.48 9.79
C LEU A 83 0.86 -7.43 10.73
N GLU A 84 0.04 -8.37 10.22
CA GLU A 84 -0.60 -9.34 11.12
C GLU A 84 0.39 -10.12 11.93
N HIS A 85 1.53 -10.45 11.33
CA HIS A 85 2.49 -11.31 12.00
C HIS A 85 3.69 -10.55 12.61
N LEU A 86 3.62 -9.22 12.61
CA LEU A 86 4.72 -8.40 13.12
C LEU A 86 4.55 -8.10 14.62
N GLN A 87 5.59 -8.38 15.40
CA GLN A 87 5.63 -7.97 16.81
C GLN A 87 6.14 -6.55 16.85
N LEU A 88 5.29 -5.64 17.26
CA LEU A 88 5.63 -4.21 17.28
C LEU A 88 5.55 -3.68 18.67
N ARG A 89 6.51 -2.87 19.04
CA ARG A 89 6.51 -2.21 20.36
C ARG A 89 5.52 -1.05 20.34
N ALA A 90 5.39 -0.43 19.17
CA ALA A 90 4.38 0.59 18.96
C ALA A 90 3.97 0.61 17.46
N ALA A 91 2.84 1.26 17.21
CA ALA A 91 2.26 1.32 15.87
C ALA A 91 3.25 2.03 14.93
N LEU A 92 3.34 1.56 13.70
CA LEU A 92 3.92 2.35 12.63
C LEU A 92 3.21 3.68 12.43
N GLY A 93 3.90 4.62 11.80
CA GLY A 93 3.35 5.92 11.52
C GLY A 93 2.05 5.84 10.73
N GLY A 94 2.04 4.98 9.70
CA GLY A 94 0.84 4.83 8.91
C GLY A 94 1.01 4.03 7.67
N ILE A 95 -0.14 3.74 7.06
CA ILE A 95 -0.22 3.00 5.80
C ILE A 95 -1.22 3.68 4.85
N ILE A 96 -0.88 3.68 3.58
CA ILE A 96 -1.76 4.13 2.56
C ILE A 96 -1.85 3.02 1.53
N LEU A 97 -3.07 2.59 1.27
CA LEU A 97 -3.32 1.44 0.40
C LEU A 97 -3.99 1.93 -0.85
N VAL A 98 -3.18 2.10 -1.91
CA VAL A 98 -3.71 2.51 -3.21
C VAL A 98 -4.27 1.33 -3.98
N SER A 99 -5.56 1.39 -4.27
CA SER A 99 -6.31 0.28 -4.88
C SER A 99 -6.23 -0.96 -4.04
N GLY A 100 -6.29 -0.79 -2.71
CA GLY A 100 -6.19 -1.90 -1.79
C GLY A 100 -7.40 -2.84 -1.83
N PHE A 101 -7.13 -4.09 -1.52
CA PHE A 101 -8.18 -5.08 -1.49
C PHE A 101 -7.71 -6.21 -0.52
N ALA A 102 -8.67 -6.96 0.01
CA ALA A 102 -8.38 -8.08 0.94
C ALA A 102 -9.23 -9.35 0.63
N LYS A 103 -9.67 -9.50 -0.63
CA LYS A 103 -10.37 -10.69 -1.11
C LYS A 103 -10.07 -10.94 -2.58
N SER A 104 -10.41 -12.13 -3.08
CA SER A 104 -10.09 -12.53 -4.44
C SER A 104 -10.53 -11.53 -5.48
N LEU A 105 -9.65 -11.24 -6.42
CA LEU A 105 -9.98 -10.45 -7.59
C LEU A 105 -10.47 -11.36 -8.73
N PRO A 106 -11.74 -11.26 -9.09
CA PRO A 106 -12.23 -12.15 -10.14
C PRO A 106 -11.43 -12.18 -11.44
N THR A 107 -10.81 -11.07 -11.83
CA THR A 107 -10.10 -11.07 -13.11
C THR A 107 -8.64 -11.52 -12.95
N LEU A 108 -8.17 -11.71 -11.71
CA LEU A 108 -6.80 -12.15 -11.39
C LEU A 108 -6.81 -13.20 -10.27
N GLN A 109 -7.50 -14.31 -10.52
CA GLN A 109 -7.62 -15.38 -9.54
C GLN A 109 -6.26 -16.08 -9.24
N LEU A 111 -3.79 -14.77 -8.27
CA LEU A 111 -3.24 -14.05 -7.12
C LEU A 111 -4.00 -14.35 -5.83
N ASP A 112 -4.92 -15.33 -5.86
CA ASP A 112 -5.76 -15.61 -4.71
C ASP A 112 -5.04 -15.94 -3.44
N GLU A 113 -3.81 -16.43 -3.51
CA GLU A 113 -3.14 -16.82 -2.30
C GLU A 113 -2.84 -15.61 -1.42
N PHE A 114 -2.76 -14.42 -2.00
CA PHE A 114 -2.44 -13.19 -1.25
C PHE A 114 -3.59 -12.74 -0.32
N THR A 115 -4.82 -13.14 -0.66
CA THR A 115 -6.02 -12.75 0.07
C THR A 115 -6.86 -13.88 0.62
N GLN A 116 -6.44 -15.11 0.46
CA GLN A 116 -7.27 -16.17 0.96
C GLN A 116 -7.13 -16.19 2.49
N GLY A 117 -8.27 -16.29 3.11
CA GLY A 117 -8.40 -16.32 4.55
C GLY A 117 -8.75 -14.92 5.08
N SER A 118 -9.48 -14.88 6.16
CA SER A 118 -9.72 -13.62 6.86
C SER A 118 -8.48 -12.96 7.43
N PHE A 119 -8.55 -11.66 7.57
CA PHE A 119 -7.50 -10.86 8.16
C PHE A 119 -7.93 -10.49 9.63
N ASP A 120 -6.96 -10.33 10.50
CA ASP A 120 -7.19 -9.86 11.86
C ASP A 120 -7.19 -8.30 11.80
N HIS A 121 -8.38 -7.76 11.69
CA HIS A 121 -8.57 -6.29 11.50
C HIS A 121 -8.04 -5.48 12.69
N GLN A 122 -8.26 -5.98 13.92
CA GLN A 122 -7.84 -5.26 15.09
C GLN A 122 -6.31 -5.11 15.15
N LYS A 123 -5.60 -6.15 14.78
CA LYS A 123 -4.15 -6.11 14.76
C LYS A 123 -3.68 -5.07 13.73
N ILE A 124 -4.28 -5.06 12.55
CA ILE A 124 -3.94 -4.05 11.55
C ILE A 124 -4.20 -2.61 12.02
N ILE A 125 -5.37 -2.38 12.62
CA ILE A 125 -5.69 -1.11 13.19
C ILE A 125 -4.64 -0.69 14.25
N GLU A 126 -4.23 -1.62 15.09
CA GLU A 126 -3.28 -1.32 16.14
C GLU A 126 -1.86 -1.21 15.65
N SER A 127 -1.60 -1.60 14.42
CA SER A 127 -0.28 -1.61 13.83
C SER A 127 0.12 -0.34 13.06
N ALA A 128 -0.84 0.54 12.82
CA ALA A 128 -0.65 1.73 11.98
C ALA A 128 -1.47 2.89 12.51
N LYS A 129 -0.79 3.94 12.96
CA LYS A 129 -1.50 5.06 13.59
C LYS A 129 -2.47 5.77 12.65
N HIS A 130 -2.04 5.99 11.44
CA HIS A 130 -2.81 6.65 10.42
C HIS A 130 -3.06 5.68 9.27
N ARG A 131 -4.30 5.56 8.83
CA ARG A 131 -4.65 4.59 7.76
C ARG A 131 -5.57 5.22 6.71
N ALA A 132 -5.25 4.97 5.45
CA ALA A 132 -6.04 5.44 4.32
C ALA A 132 -6.00 4.46 3.17
N VAL A 133 -7.11 4.44 2.46
CA VAL A 133 -7.30 3.73 1.18
C VAL A 133 -7.66 4.76 0.09
N ILE A 134 -6.92 4.73 -1.02
CA ILE A 134 -7.21 5.60 -2.16
C ILE A 134 -7.64 4.69 -3.29
N ALA A 135 -8.78 4.95 -3.87
CA ALA A 135 -9.36 4.03 -4.84
C ALA A 135 -10.07 4.73 -5.93
N SER A 136 -10.04 4.12 -7.10
CA SER A 136 -10.68 4.68 -8.30
C SER A 136 -12.03 4.09 -8.56
N LYS A 137 -13.04 4.95 -8.74
CA LYS A 137 -14.39 4.47 -9.00
C LYS A 137 -14.52 3.61 -10.23
N ASP A 138 -13.71 3.86 -11.25
CA ASP A 138 -13.79 3.12 -12.51
C ASP A 138 -12.71 2.08 -12.75
N ASP A 139 -12.06 1.69 -11.65
CA ASP A 139 -11.10 0.60 -11.65
C ASP A 139 -11.76 -0.75 -12.07
N GLN A 140 -11.25 -1.31 -13.15
CA GLN A 140 -11.74 -2.57 -13.64
C GLN A 140 -10.89 -3.77 -13.19
N ILE A 141 -9.85 -3.54 -12.39
CA ILE A 141 -9.00 -4.62 -11.86
C ILE A 141 -9.33 -4.90 -10.41
N VAL A 142 -9.26 -3.85 -9.60
CA VAL A 142 -9.73 -3.86 -8.21
C VAL A 142 -11.05 -3.05 -8.12
N PRO A 143 -12.18 -3.70 -8.05
CA PRO A 143 -13.44 -2.96 -7.99
C PRO A 143 -13.45 -2.04 -6.81
N PHE A 144 -13.91 -0.82 -7.07
CA PHE A 144 -14.04 0.19 -6.03
C PHE A 144 -14.67 -0.28 -4.73
N SER A 145 -15.72 -1.10 -4.85
CA SER A 145 -16.40 -1.64 -3.67
C SER A 145 -15.49 -2.48 -2.78
N PHE A 146 -14.53 -3.16 -3.39
CA PHE A 146 -13.56 -3.97 -2.61
C PHE A 146 -12.66 -3.07 -1.75
N SER A 147 -12.32 -1.89 -2.27
CA SER A 147 -11.45 -0.95 -1.57
C SER A 147 -12.24 -0.24 -0.46
N LYS A 148 -13.49 0.09 -0.74
CA LYS A 148 -14.35 0.69 0.25
C LYS A 148 -14.62 -0.31 1.42
N ASP A 149 -14.84 -1.58 1.07
CA ASP A 149 -15.05 -2.69 2.01
C ASP A 149 -13.85 -2.77 2.92
N LEU A 150 -12.65 -2.78 2.33
CA LEU A 150 -11.43 -2.86 3.13
C LEU A 150 -11.27 -1.64 4.06
N ALA A 151 -11.54 -0.42 3.52
CA ALA A 151 -11.49 0.77 4.33
C ALA A 151 -12.39 0.68 5.57
N GLN A 152 -13.55 0.11 5.39
CA GLN A 152 -14.42 -0.13 6.55
C GLN A 152 -13.86 -1.14 7.53
N GLN A 153 -13.35 -2.24 7.01
CA GLN A 153 -12.82 -3.31 7.85
C GLN A 153 -11.65 -2.86 8.75
N ILE A 154 -10.82 -1.95 8.21
CA ILE A 154 -9.65 -1.46 8.92
C ILE A 154 -9.75 0.01 9.35
N ASP A 155 -10.96 0.55 9.44
CA ASP A 155 -11.18 1.91 9.89
C ASP A 155 -10.17 2.89 9.30
N ALA A 156 -10.11 2.87 7.97
CA ALA A 156 -9.25 3.76 7.18
C ALA A 156 -10.08 4.83 6.47
N ALA A 157 -9.53 6.04 6.34
CA ALA A 157 -10.09 7.11 5.53
C ALA A 157 -10.05 6.68 4.08
N LEU A 158 -11.18 6.79 3.40
CA LEU A 158 -11.28 6.40 1.97
C LEU A 158 -11.30 7.66 1.12
N TYR A 159 -10.43 7.71 0.16
CA TYR A 159 -10.40 8.76 -0.88
C TYR A 159 -10.70 8.17 -2.26
N GLU A 160 -11.85 8.56 -2.81
CA GLU A 160 -12.35 8.11 -4.07
C GLU A 160 -11.85 9.04 -5.15
N VAL A 161 -11.35 8.49 -6.24
CA VAL A 161 -10.99 9.28 -7.41
C VAL A 161 -11.95 8.78 -8.48
N GLN A 162 -12.80 9.68 -8.99
CA GLN A 162 -13.88 9.23 -9.87
C GLN A 162 -13.38 8.56 -11.14
N HIS A 163 -12.35 9.13 -11.74
CA HIS A 163 -11.76 8.59 -12.94
C HIS A 163 -10.26 8.36 -12.74
N GLY A 164 -9.91 7.28 -12.09
CA GLY A 164 -8.53 6.99 -11.80
C GLY A 164 -7.95 5.76 -12.48
N GLY A 165 -8.72 5.10 -13.36
CA GLY A 165 -8.34 3.80 -13.88
C GLY A 165 -7.94 2.86 -12.73
N HIS A 166 -6.76 2.26 -12.84
CA HIS A 166 -6.10 1.51 -11.73
C HIS A 166 -4.76 2.23 -11.28
N PHE A 167 -4.66 3.53 -11.54
CA PHE A 167 -3.50 4.37 -11.23
C PHE A 167 -2.19 3.83 -11.85
N LEU A 168 -2.27 3.49 -13.13
CA LEU A 168 -1.15 2.97 -13.90
C LEU A 168 -0.53 3.99 -14.86
N GLU A 169 0.76 3.80 -15.19
CA GLU A 169 1.49 4.67 -16.06
C GLU A 169 0.85 4.77 -17.45
N ASP A 170 0.25 3.69 -17.95
CA ASP A 170 -0.38 3.73 -19.27
C ASP A 170 -1.74 4.43 -19.27
N GLU A 171 -2.24 4.80 -18.08
CA GLU A 171 -3.41 5.66 -17.92
C GLU A 171 -3.05 7.11 -17.59
N GLY A 172 -1.75 7.39 -17.58
CA GLY A 172 -1.22 8.71 -17.32
C GLY A 172 -0.69 8.89 -15.91
N PHE A 173 -0.80 7.87 -15.05
CA PHE A 173 -0.42 8.03 -13.64
C PHE A 173 1.07 7.73 -13.38
N THR A 174 1.94 8.57 -13.98
CA THR A 174 3.34 8.68 -13.55
C THR A 174 3.57 9.66 -12.40
N SER A 175 2.49 10.32 -11.98
CA SER A 175 2.45 11.02 -10.74
C SER A 175 1.12 10.75 -10.03
N LEU A 176 1.07 11.02 -8.74
CA LEU A 176 -0.17 10.87 -7.94
C LEU A 176 -0.13 11.80 -6.71
N PRO A 177 -0.39 13.09 -6.93
CA PRO A 177 -0.36 14.06 -5.83
C PRO A 177 -1.21 13.72 -4.61
N ILE A 178 -2.38 13.12 -4.79
CA ILE A 178 -3.21 12.78 -3.62
C ILE A 178 -2.46 11.90 -2.62
N VAL A 179 -1.64 10.94 -3.08
CA VAL A 179 -0.89 10.10 -2.18
C VAL A 179 0.12 10.93 -1.38
N TYR A 180 0.84 11.83 -2.06
CA TYR A 180 1.82 12.66 -1.38
C TYR A 180 1.15 13.57 -0.32
N ASP A 181 0.02 14.15 -0.69
CA ASP A 181 -0.69 15.06 0.21
C ASP A 181 -1.32 14.33 1.45
N VAL A 182 -1.90 13.18 1.23
CA VAL A 182 -2.46 12.38 2.36
C VAL A 182 -1.33 11.98 3.29
N LEU A 183 -0.23 11.51 2.72
CA LEU A 183 0.93 11.15 3.51
C LEU A 183 1.47 12.30 4.31
N THR A 184 1.65 13.43 3.66
CA THR A 184 2.18 14.59 4.33
C THR A 184 1.30 15.07 5.50
N SER A 185 -0.01 14.92 5.38
CA SER A 185 -0.94 15.31 6.44
C SER A 185 -0.69 14.47 7.71
N TYR A 186 -0.24 13.25 7.52
CA TYR A 186 0.12 12.41 8.65
C TYR A 186 1.31 12.97 9.43
N PHE A 187 2.26 13.58 8.72
CA PHE A 187 3.48 14.07 9.35
C PHE A 187 3.18 15.30 10.23
N SER A 188 2.22 16.11 9.81
CA SER A 188 1.86 17.32 10.58
C SER A 188 1.11 16.93 11.83
N LYS A 189 0.26 15.91 11.69
CA LYS A 189 -0.41 15.34 12.85
C LYS A 189 0.64 14.74 13.78
#